data_4RT5
#
_entry.id   4RT5
#
_cell.length_a   30.130
_cell.length_b   77.496
_cell.length_c   45.827
_cell.angle_alpha   90.00
_cell.angle_beta   109.19
_cell.angle_gamma   90.00
#
_symmetry.space_group_name_H-M   'P 1 21 1'
#
loop_
_entity.id
_entity.type
_entity.pdbx_description
1 polymer 'Glyoxalase/bleomycin resistance protein/dioxygenase'
2 non-polymer 'NICKEL (II) ION'
3 non-polymer 2-AMINO-2-HYDROXYMETHYL-PROPANE-1,3-DIOL
4 non-polymer GLYCEROL
5 water water
#
_entity_poly.entity_id   1
_entity_poly.type   'polypeptide(L)'
_entity_poly.pdbx_seq_one_letter_code
;SNA(MSE)ETSVIEASSLKLDDLHHIAISVTDVAQSVEWYTSHFQCRIAYQDSTWALLKFGNLSLALVIPEQHPPHIAFT
SDRAGEYGSLKTHRDGTRSCYIQDPSGNSVEL(MSE)DPTSL
;
_entity_poly.pdbx_strand_id   A,B
#
# COMPACT_ATOMS: atom_id res chain seq x y z
N LEU A 14 -11.61 -6.19 17.89
CA LEU A 14 -11.70 -7.64 17.77
C LEU A 14 -11.26 -8.12 16.39
N LYS A 15 -12.02 -7.78 15.36
CA LYS A 15 -11.71 -8.12 13.98
C LYS A 15 -10.99 -6.98 13.28
N LEU A 16 -9.82 -7.26 12.72
CA LEU A 16 -9.04 -6.23 12.04
C LEU A 16 -9.60 -5.89 10.66
N ASP A 17 -9.43 -4.62 10.24
CA ASP A 17 -9.81 -4.21 8.89
C ASP A 17 -8.72 -4.60 7.90
N ASP A 18 -9.05 -4.66 6.62
CA ASP A 18 -8.06 -4.98 5.60
C ASP A 18 -7.69 -3.76 4.76
N LEU A 19 -6.49 -3.75 4.22
CA LEU A 19 -6.21 -2.86 3.10
C LEU A 19 -6.72 -3.53 1.85
N HIS A 20 -7.57 -2.83 1.12
CA HIS A 20 -8.25 -3.43 -0.01
C HIS A 20 -7.47 -3.20 -1.30
N HIS A 21 -6.90 -2.02 -1.45
CA HIS A 21 -6.02 -1.74 -2.57
C HIS A 21 -5.17 -0.52 -2.29
N ILE A 22 -4.09 -0.40 -3.04
CA ILE A 22 -3.24 0.78 -3.02
C ILE A 22 -3.11 1.24 -4.43
N ALA A 23 -3.19 2.54 -4.65
CA ALA A 23 -2.90 3.12 -5.95
C ALA A 23 -1.67 4.01 -5.83
N ILE A 24 -0.60 3.67 -6.54
CA ILE A 24 0.63 4.46 -6.51
C ILE A 24 0.83 5.18 -7.84
N SER A 25 1.45 6.35 -7.77
N SER A 25 1.45 6.35 -7.78
CA SER A 25 1.74 7.12 -8.98
CA SER A 25 1.69 7.13 -8.99
C SER A 25 2.84 6.51 -9.82
C SER A 25 2.85 6.57 -9.82
N VAL A 26 2.64 6.50 -11.13
CA VAL A 26 3.68 6.13 -12.07
C VAL A 26 3.71 7.17 -13.19
N THR A 27 4.82 7.26 -13.89
CA THR A 27 4.95 8.23 -14.98
C THR A 27 4.43 7.69 -16.32
N ASP A 28 4.28 6.37 -16.39
CA ASP A 28 3.97 5.68 -17.65
C ASP A 28 3.35 4.31 -17.31
N VAL A 29 2.08 4.13 -17.66
CA VAL A 29 1.37 2.94 -17.22
C VAL A 29 1.86 1.68 -17.94
N ALA A 30 2.07 1.78 -19.25
CA ALA A 30 2.49 0.62 -20.04
C ALA A 30 3.81 0.05 -19.56
N GLN A 31 4.81 0.90 -19.40
CA GLN A 31 6.13 0.45 -18.94
C GLN A 31 6.06 -0.12 -17.51
N SER A 32 5.30 0.55 -16.64
CA SER A 32 5.16 0.10 -15.27
C SER A 32 4.47 -1.25 -15.18
N VAL A 33 3.44 -1.48 -16.00
CA VAL A 33 2.83 -2.81 -16.04
C VAL A 33 3.86 -3.86 -16.41
N GLU A 34 4.67 -3.60 -17.43
CA GLU A 34 5.68 -4.55 -17.85
C GLU A 34 6.61 -4.90 -16.71
N TRP A 35 7.09 -3.87 -16.02
CA TRP A 35 8.06 -4.04 -14.96
C TRP A 35 7.52 -4.89 -13.81
N TYR A 36 6.32 -4.56 -13.34
CA TYR A 36 5.71 -5.30 -12.23
C TYR A 36 5.34 -6.71 -12.62
N THR A 37 4.83 -6.91 -13.83
CA THR A 37 4.44 -8.24 -14.24
C THR A 37 5.68 -9.08 -14.51
N SER A 38 6.81 -8.42 -14.78
CA SER A 38 8.05 -9.14 -14.98
C SER A 38 8.67 -9.59 -13.64
N HIS A 39 8.63 -8.70 -12.66
CA HIS A 39 9.28 -8.95 -11.38
C HIS A 39 8.48 -9.81 -10.41
N PHE A 40 7.18 -9.83 -10.61
CA PHE A 40 6.27 -10.47 -9.66
C PHE A 40 5.27 -11.38 -10.34
N GLN A 41 4.82 -12.38 -9.58
CA GLN A 41 3.69 -13.19 -10.00
C GLN A 41 2.44 -12.42 -9.63
N CYS A 42 1.84 -11.79 -10.63
CA CYS A 42 0.63 -11.00 -10.43
C CYS A 42 -0.16 -11.06 -11.72
N ARG A 43 -1.44 -10.73 -11.64
CA ARG A 43 -2.32 -10.81 -12.79
C ARG A 43 -2.77 -9.41 -13.17
N ILE A 44 -2.73 -9.10 -14.46
CA ILE A 44 -3.34 -7.86 -14.93
C ILE A 44 -4.84 -8.05 -14.94
N ALA A 45 -5.53 -7.21 -14.19
CA ALA A 45 -6.97 -7.32 -14.09
C ALA A 45 -7.66 -6.27 -14.98
N TYR A 46 -6.98 -5.14 -15.16
CA TYR A 46 -7.48 -4.02 -15.97
C TYR A 46 -6.32 -3.13 -16.42
N GLN A 47 -6.48 -2.48 -17.57
CA GLN A 47 -5.41 -1.63 -18.05
C GLN A 47 -5.92 -0.61 -19.09
N ASP A 48 -5.57 0.67 -18.91
CA ASP A 48 -5.62 1.62 -20.02
C ASP A 48 -4.43 2.58 -19.93
N SER A 49 -4.38 3.56 -20.82
N SER A 49 -4.39 3.57 -20.80
CA SER A 49 -3.25 4.49 -20.87
CA SER A 49 -3.24 4.47 -20.87
C SER A 49 -3.11 5.32 -19.60
C SER A 49 -3.14 5.39 -19.65
N THR A 50 -4.17 5.37 -18.82
CA THR A 50 -4.20 6.20 -17.62
C THR A 50 -3.97 5.44 -16.31
N TRP A 51 -4.31 4.16 -16.28
CA TRP A 51 -4.03 3.35 -15.08
C TRP A 51 -4.11 1.86 -15.38
N ALA A 52 -3.70 1.04 -14.43
CA ALA A 52 -3.83 -0.41 -14.52
C ALA A 52 -4.10 -1.01 -13.14
N LEU A 53 -4.66 -2.21 -13.09
CA LEU A 53 -4.91 -2.88 -11.82
C LEU A 53 -4.28 -4.25 -11.86
N LEU A 54 -3.36 -4.48 -10.93
CA LEU A 54 -2.64 -5.73 -10.83
C LEU A 54 -3.15 -6.45 -9.61
N LYS A 55 -3.51 -7.70 -9.82
CA LYS A 55 -4.00 -8.56 -8.77
C LYS A 55 -2.82 -9.34 -8.18
N PHE A 56 -2.59 -9.16 -6.88
CA PHE A 56 -1.59 -9.94 -6.16
C PHE A 56 -2.36 -10.93 -5.30
N GLY A 57 -1.70 -11.56 -4.35
CA GLY A 57 -2.38 -12.59 -3.56
C GLY A 57 -3.32 -12.03 -2.51
N ASN A 58 -2.98 -10.90 -1.90
CA ASN A 58 -3.75 -10.46 -0.77
C ASN A 58 -4.41 -9.09 -0.95
N LEU A 59 -4.11 -8.42 -2.06
CA LEU A 59 -4.76 -7.18 -2.45
C LEU A 59 -4.44 -6.83 -3.89
N SER A 60 -4.98 -5.73 -4.37
CA SER A 60 -4.66 -5.26 -5.70
C SER A 60 -3.82 -4.00 -5.63
N LEU A 61 -2.94 -3.86 -6.62
CA LEU A 61 -2.10 -2.69 -6.75
C LEU A 61 -2.57 -1.92 -7.97
N ALA A 62 -2.79 -0.63 -7.82
CA ALA A 62 -3.12 0.19 -8.98
C ALA A 62 -1.95 1.10 -9.32
N LEU A 63 -1.70 1.21 -10.61
CA LEU A 63 -0.64 2.04 -11.15
C LEU A 63 -1.32 3.17 -11.91
N VAL A 64 -1.29 4.37 -11.35
CA VAL A 64 -2.07 5.46 -11.92
C VAL A 64 -1.21 6.61 -12.41
N ILE A 65 -1.66 7.25 -13.48
CA ILE A 65 -1.16 8.57 -13.82
C ILE A 65 -1.90 9.52 -12.89
N PRO A 66 -1.16 10.24 -12.03
CA PRO A 66 -1.75 11.01 -10.93
C PRO A 66 -2.73 12.05 -11.41
N GLU A 67 -2.50 12.58 -12.60
CA GLU A 67 -3.31 13.66 -13.14
C GLU A 67 -4.66 13.16 -13.64
N GLN A 68 -4.85 11.85 -13.67
CA GLN A 68 -6.10 11.24 -14.12
C GLN A 68 -6.82 10.49 -12.99
N HIS A 69 -6.03 9.76 -12.20
N HIS A 69 -6.03 9.75 -12.22
CA HIS A 69 -6.53 8.90 -11.11
CA HIS A 69 -6.56 8.99 -11.11
C HIS A 69 -5.62 9.12 -9.90
C HIS A 69 -5.62 9.17 -9.93
N PRO A 70 -6.13 9.79 -8.86
CA PRO A 70 -5.30 10.12 -7.68
C PRO A 70 -4.80 8.92 -6.86
N PRO A 71 -3.52 8.95 -6.45
CA PRO A 71 -2.98 7.87 -5.62
C PRO A 71 -3.62 7.87 -4.24
N HIS A 72 -3.84 6.69 -3.67
CA HIS A 72 -4.54 6.57 -2.41
C HIS A 72 -4.38 5.17 -1.83
N ILE A 73 -4.78 5.01 -0.58
N ILE A 73 -4.81 5.02 -0.58
CA ILE A 73 -4.88 3.66 -0.01
CA ILE A 73 -4.89 3.70 0.05
C ILE A 73 -6.32 3.45 0.38
C ILE A 73 -6.32 3.42 0.47
N ALA A 74 -6.86 2.28 0.06
CA ALA A 74 -8.23 1.93 0.38
C ALA A 74 -8.30 0.81 1.40
N PHE A 75 -9.13 1.05 2.42
CA PHE A 75 -9.36 0.12 3.53
C PHE A 75 -10.82 -0.30 3.54
N THR A 76 -11.08 -1.55 3.87
CA THR A 76 -12.43 -1.95 4.12
C THR A 76 -12.80 -1.42 5.50
N SER A 77 -14.03 -0.95 5.68
CA SER A 77 -14.41 -0.46 6.99
C SER A 77 -15.89 -0.63 7.23
N ASP A 78 -16.22 -1.21 8.38
CA ASP A 78 -17.62 -1.40 8.73
C ASP A 78 -18.28 -0.05 8.96
N ARG A 79 -17.46 0.96 9.20
CA ARG A 79 -17.94 2.28 9.56
C ARG A 79 -17.62 3.33 8.50
N ALA A 80 -17.44 2.91 7.26
CA ALA A 80 -17.09 3.81 6.17
C ALA A 80 -18.09 4.96 6.07
N GLY A 81 -19.38 4.62 6.08
CA GLY A 81 -20.43 5.62 5.99
C GLY A 81 -20.48 6.60 7.14
N GLU A 82 -19.81 6.27 8.24
CA GLU A 82 -19.70 7.17 9.38
C GLU A 82 -18.70 8.30 9.15
N TYR A 83 -17.81 8.14 8.17
CA TYR A 83 -16.77 9.13 7.92
C TYR A 83 -16.98 9.95 6.66
N GLY A 84 -17.84 9.46 5.79
CA GLY A 84 -18.20 10.22 4.60
C GLY A 84 -19.34 9.55 3.88
N SER A 85 -20.00 10.30 3.01
CA SER A 85 -21.11 9.78 2.24
C SER A 85 -20.63 8.76 1.22
N LEU A 86 -21.21 7.56 1.24
CA LEU A 86 -20.79 6.49 0.34
C LEU A 86 -21.21 6.79 -1.10
N LYS A 87 -20.39 6.33 -2.05
CA LYS A 87 -20.63 6.57 -3.47
C LYS A 87 -20.62 5.25 -4.21
N THR A 88 -21.74 4.89 -4.80
CA THR A 88 -21.80 3.64 -5.56
C THR A 88 -21.08 3.84 -6.89
N HIS A 89 -19.99 3.09 -7.06
CA HIS A 89 -19.18 3.16 -8.26
C HIS A 89 -19.83 2.28 -9.32
N ARG A 90 -19.40 2.41 -10.58
CA ARG A 90 -20.05 1.69 -11.66
C ARG A 90 -20.04 0.19 -11.39
N ASP A 91 -18.98 -0.30 -10.76
CA ASP A 91 -18.81 -1.73 -10.51
C ASP A 91 -19.64 -2.26 -9.35
N GLY A 92 -20.53 -1.43 -8.84
CA GLY A 92 -21.42 -1.83 -7.76
C GLY A 92 -20.91 -1.53 -6.36
N THR A 93 -19.59 -1.52 -6.19
CA THR A 93 -19.00 -1.27 -4.88
C THR A 93 -19.22 0.18 -4.45
N ARG A 94 -19.01 0.45 -3.17
CA ARG A 94 -19.29 1.76 -2.60
C ARG A 94 -18.14 2.18 -1.71
N SER A 95 -17.84 3.48 -1.67
CA SER A 95 -16.75 3.98 -0.82
C SER A 95 -16.72 5.50 -0.69
N CYS A 96 -16.18 6.00 0.42
CA CYS A 96 -15.97 7.44 0.57
C CYS A 96 -14.46 7.72 0.58
N TYR A 97 -14.09 8.98 0.48
CA TYR A 97 -12.68 9.35 0.51
C TYR A 97 -12.49 10.43 1.53
N ILE A 98 -11.63 10.17 2.51
CA ILE A 98 -11.21 11.17 3.48
C ILE A 98 -9.69 11.35 3.39
N GLN A 99 -9.11 12.17 4.28
CA GLN A 99 -7.68 12.48 4.27
C GLN A 99 -7.07 12.30 5.64
N ASP A 100 -5.89 11.69 5.67
CA ASP A 100 -5.20 11.50 6.94
C ASP A 100 -4.52 12.83 7.31
N PRO A 101 -3.97 12.95 8.53
CA PRO A 101 -3.46 14.25 8.97
C PRO A 101 -2.46 14.87 8.02
N SER A 102 -1.66 14.05 7.33
CA SER A 102 -0.67 14.56 6.39
C SER A 102 -1.22 14.78 4.99
N GLY A 103 -2.52 14.62 4.81
CA GLY A 103 -3.14 14.83 3.52
C GLY A 103 -3.15 13.65 2.57
N ASN A 104 -2.65 12.50 3.03
CA ASN A 104 -2.74 11.27 2.26
C ASN A 104 -4.19 10.92 2.05
N SER A 105 -4.53 10.58 0.81
CA SER A 105 -5.89 10.23 0.45
C SER A 105 -6.23 8.81 0.92
N VAL A 106 -7.32 8.70 1.66
CA VAL A 106 -7.75 7.45 2.26
C VAL A 106 -9.17 7.12 1.82
N GLU A 107 -9.32 5.98 1.16
CA GLU A 107 -10.61 5.52 0.71
C GLU A 107 -11.12 4.43 1.65
N LEU A 108 -12.38 4.53 2.07
CA LEU A 108 -12.98 3.55 2.96
C LEU A 108 -14.03 2.78 2.20
N ASP A 110 -17.17 0.11 1.76
CA ASP A 110 -18.29 -0.57 2.41
C ASP A 110 -18.18 -2.06 2.16
N PRO A 111 -17.93 -2.87 3.21
CA PRO A 111 -17.68 -4.30 3.05
C PRO A 111 -18.87 -5.05 2.44
N THR A 112 -20.08 -4.59 2.74
CA THR A 112 -21.29 -5.22 2.22
C THR A 112 -21.42 -5.03 0.70
N SER A 113 -20.65 -4.10 0.13
CA SER A 113 -20.76 -3.74 -1.28
C SER A 113 -19.80 -4.55 -2.14
N LEU A 114 -18.91 -5.27 -1.46
CA LEU A 114 -17.89 -6.06 -2.11
C LEU A 114 -18.47 -7.45 -2.41
N LYS B 15 0.08 -19.12 -8.04
CA LYS B 15 0.61 -18.62 -6.77
C LYS B 15 1.05 -17.18 -6.94
N LEU B 16 0.16 -16.26 -6.60
CA LEU B 16 0.46 -14.85 -6.73
C LEU B 16 1.34 -14.37 -5.58
N ASP B 17 2.32 -13.52 -5.90
CA ASP B 17 3.12 -12.87 -4.87
C ASP B 17 2.22 -12.05 -3.97
N ASP B 18 2.62 -11.89 -2.72
CA ASP B 18 1.83 -11.11 -1.78
C ASP B 18 2.50 -9.78 -1.50
N LEU B 19 1.69 -8.77 -1.23
CA LEU B 19 2.25 -7.59 -0.61
C LEU B 19 2.52 -7.98 0.81
N HIS B 20 3.55 -7.39 1.37
CA HIS B 20 3.94 -7.68 2.74
C HIS B 20 3.68 -6.46 3.62
N HIS B 21 4.11 -5.28 3.17
CA HIS B 21 3.78 -4.05 3.89
C HIS B 21 3.96 -2.83 3.01
N ILE B 22 3.26 -1.76 3.38
N ILE B 22 3.27 -1.76 3.35
CA ILE B 22 3.36 -0.48 2.70
CA ILE B 22 3.38 -0.50 2.63
C ILE B 22 3.88 0.55 3.66
C ILE B 22 3.82 0.60 3.58
N ALA B 23 4.88 1.31 3.21
CA ALA B 23 5.38 2.41 4.02
C ALA B 23 5.00 3.74 3.36
N ILE B 24 4.14 4.51 4.01
CA ILE B 24 3.74 5.79 3.45
C ILE B 24 4.30 6.93 4.27
N SER B 25 4.55 8.05 3.60
CA SER B 25 5.06 9.23 4.27
CA SER B 25 5.07 9.23 4.27
C SER B 25 4.04 9.91 5.17
N VAL B 26 4.44 10.27 6.38
CA VAL B 26 3.60 11.11 7.20
C VAL B 26 4.43 12.26 7.73
N THR B 27 3.77 13.28 8.28
N THR B 27 3.74 13.24 8.31
CA THR B 27 4.47 14.45 8.79
CA THR B 27 4.39 14.47 8.77
C THR B 27 4.66 14.40 10.30
C THR B 27 4.68 14.35 10.27
N ASP B 28 3.83 13.59 10.96
CA ASP B 28 3.88 13.48 12.42
C ASP B 28 3.40 12.08 12.81
N VAL B 29 4.28 11.25 13.38
CA VAL B 29 3.98 9.84 13.57
C VAL B 29 2.91 9.62 14.63
N ALA B 30 3.04 10.25 15.79
CA ALA B 30 2.05 10.10 16.85
C ALA B 30 0.68 10.57 16.38
N GLN B 31 0.64 11.70 15.70
CA GLN B 31 -0.62 12.24 15.18
C GLN B 31 -1.27 11.27 14.18
N SER B 32 -0.44 10.61 13.38
CA SER B 32 -0.91 9.64 12.40
C SER B 32 -1.43 8.39 13.09
N VAL B 33 -0.68 7.87 14.06
CA VAL B 33 -1.09 6.65 14.76
C VAL B 33 -2.41 6.86 15.47
N GLU B 34 -2.60 8.05 16.02
CA GLU B 34 -3.87 8.42 16.63
C GLU B 34 -5.00 8.36 15.62
N TRP B 35 -4.75 8.91 14.44
CA TRP B 35 -5.79 8.96 13.42
C TRP B 35 -6.15 7.56 12.90
N TYR B 36 -5.16 6.78 12.49
CA TYR B 36 -5.42 5.48 11.90
C TYR B 36 -6.07 4.51 12.88
N THR B 37 -5.67 4.55 14.15
CA THR B 37 -6.24 3.61 15.11
C THR B 37 -7.64 4.03 15.58
N SER B 38 -7.99 5.30 15.39
CA SER B 38 -9.33 5.72 15.75
C SER B 38 -10.31 5.52 14.60
N HIS B 39 -9.80 5.39 13.38
CA HIS B 39 -10.65 5.15 12.23
C HIS B 39 -10.78 3.67 11.90
N PHE B 40 -9.70 2.94 12.15
CA PHE B 40 -9.56 1.57 11.68
C PHE B 40 -9.33 0.59 12.81
N GLN B 41 -9.92 -0.58 12.66
CA GLN B 41 -9.64 -1.70 13.53
C GLN B 41 -8.29 -2.24 13.14
N CYS B 42 -7.28 -1.84 13.89
CA CYS B 42 -5.91 -2.27 13.65
C CYS B 42 -5.16 -2.33 14.97
N ARG B 43 -3.93 -2.83 14.94
CA ARG B 43 -3.13 -2.90 16.14
C ARG B 43 -1.80 -2.18 15.95
N ILE B 44 -1.41 -1.41 16.94
CA ILE B 44 -0.07 -0.81 16.92
C ILE B 44 1.00 -1.83 17.25
N ALA B 45 1.77 -2.25 16.25
CA ALA B 45 2.78 -3.29 16.42
C ALA B 45 4.13 -2.71 16.87
N TYR B 46 4.42 -1.49 16.43
CA TYR B 46 5.64 -0.79 16.79
C TYR B 46 5.47 0.72 16.64
N GLN B 47 6.17 1.50 17.45
CA GLN B 47 6.04 2.95 17.37
C GLN B 47 7.12 3.71 18.14
N ASP B 48 7.87 4.57 17.45
CA ASP B 48 8.64 5.61 18.12
C ASP B 48 8.41 6.94 17.43
N SER B 49 9.41 7.82 17.44
N SER B 49 9.42 7.81 17.45
CA SER B 49 9.21 9.17 16.95
CA SER B 49 9.27 9.18 16.95
C SER B 49 9.59 9.35 15.47
C SER B 49 9.50 9.31 15.45
N THR B 50 10.09 8.28 14.84
CA THR B 50 10.46 8.35 13.43
C THR B 50 9.66 7.44 12.50
N TRP B 51 9.09 6.36 13.03
CA TRP B 51 8.15 5.56 12.25
C TRP B 51 7.28 4.71 13.14
N ALA B 52 6.15 4.25 12.60
CA ALA B 52 5.26 3.36 13.33
C ALA B 52 4.74 2.29 12.38
N LEU B 53 4.31 1.17 12.95
CA LEU B 53 3.82 0.03 12.20
C LEU B 53 2.46 -0.35 12.73
N LEU B 54 1.48 -0.44 11.84
CA LEU B 54 0.12 -0.79 12.19
C LEU B 54 -0.29 -2.08 11.50
N LYS B 55 -0.64 -3.09 12.29
CA LYS B 55 -1.07 -4.37 11.75
C LYS B 55 -2.54 -4.31 11.30
N PHE B 56 -2.79 -4.61 10.04
CA PHE B 56 -4.15 -4.78 9.55
C PHE B 56 -4.36 -6.26 9.28
N GLY B 57 -5.55 -6.66 8.87
CA GLY B 57 -5.85 -8.07 8.69
C GLY B 57 -5.05 -8.81 7.63
N ASN B 58 -4.63 -8.10 6.60
CA ASN B 58 -4.05 -8.76 5.45
C ASN B 58 -2.61 -8.30 5.17
N LEU B 59 -2.17 -7.28 5.89
CA LEU B 59 -0.81 -6.80 5.81
C LEU B 59 -0.57 -5.69 6.84
N SER B 60 0.65 -5.17 6.88
CA SER B 60 0.92 -4.09 7.81
C SER B 60 1.25 -2.79 7.10
N LEU B 61 0.97 -1.69 7.79
CA LEU B 61 1.09 -0.34 7.24
C LEU B 61 2.10 0.43 8.09
N ALA B 62 3.24 0.77 7.50
CA ALA B 62 4.21 1.59 8.21
C ALA B 62 3.94 3.04 7.89
N LEU B 63 3.91 3.85 8.95
CA LEU B 63 3.81 5.31 8.88
C LEU B 63 5.22 5.85 9.09
N VAL B 64 5.76 6.60 8.12
CA VAL B 64 7.18 6.91 8.16
C VAL B 64 7.51 8.40 7.94
N ILE B 65 8.48 8.88 8.73
CA ILE B 65 9.17 10.15 8.44
C ILE B 65 10.19 9.88 7.35
N PRO B 66 9.97 10.42 6.13
CA PRO B 66 10.77 9.94 5.00
C PRO B 66 12.27 10.21 5.19
N GLU B 67 12.60 11.26 5.93
CA GLU B 67 14.00 11.55 6.25
C GLU B 67 14.63 10.41 7.04
N GLN B 68 13.84 9.78 7.91
CA GLN B 68 14.33 8.75 8.82
C GLN B 68 14.15 7.32 8.29
N HIS B 69 13.14 7.12 7.47
N HIS B 69 13.18 7.15 7.40
CA HIS B 69 12.94 5.83 6.82
CA HIS B 69 12.71 5.85 6.92
C HIS B 69 12.01 6.04 5.65
C HIS B 69 11.93 6.10 5.61
N PRO B 70 12.54 5.82 4.44
CA PRO B 70 11.86 6.20 3.19
C PRO B 70 10.60 5.39 2.93
N PRO B 71 9.62 6.00 2.24
CA PRO B 71 8.44 5.21 1.89
C PRO B 71 8.81 4.17 0.87
N HIS B 72 7.96 3.15 0.75
CA HIS B 72 8.19 2.04 -0.17
C HIS B 72 7.05 1.04 -0.02
N ILE B 73 7.01 0.11 -0.96
CA ILE B 73 6.04 -0.96 -0.91
C ILE B 73 6.83 -2.26 -1.00
N ALA B 74 6.48 -3.23 -0.17
CA ALA B 74 7.22 -4.48 -0.11
C ALA B 74 6.35 -5.64 -0.56
N PHE B 75 6.94 -6.51 -1.38
CA PHE B 75 6.28 -7.69 -1.89
C PHE B 75 7.03 -8.91 -1.42
N THR B 76 6.37 -10.06 -1.36
CA THR B 76 7.13 -11.31 -1.27
C THR B 76 7.50 -11.75 -2.68
N SER B 77 8.65 -12.38 -2.84
CA SER B 77 9.04 -12.88 -4.15
C SER B 77 9.95 -14.07 -3.98
N ASP B 78 9.66 -15.13 -4.73
CA ASP B 78 10.48 -16.34 -4.68
C ASP B 78 11.83 -16.07 -5.33
N ARG B 79 11.93 -14.96 -6.04
CA ARG B 79 13.11 -14.60 -6.82
C ARG B 79 13.73 -13.29 -6.38
N ALA B 80 13.51 -12.91 -5.13
CA ALA B 80 14.00 -11.64 -4.61
C ALA B 80 15.50 -11.49 -4.83
N GLY B 81 16.25 -12.58 -4.68
CA GLY B 81 17.70 -12.56 -4.84
C GLY B 81 18.16 -12.20 -6.24
N GLU B 82 17.35 -12.56 -7.23
CA GLU B 82 17.69 -12.36 -8.62
C GLU B 82 17.70 -10.88 -9.01
N TYR B 83 17.19 -10.04 -8.10
CA TYR B 83 17.06 -8.62 -8.37
C TYR B 83 17.97 -7.77 -7.51
N GLY B 84 18.52 -8.37 -6.46
CA GLY B 84 19.46 -7.67 -5.61
C GLY B 84 19.87 -8.53 -4.44
N SER B 85 21.04 -8.23 -3.89
CA SER B 85 21.55 -8.98 -2.77
C SER B 85 20.72 -8.72 -1.53
N LEU B 86 20.22 -9.81 -0.95
CA LEU B 86 19.39 -9.76 0.25
C LEU B 86 20.15 -9.22 1.45
N LYS B 87 19.56 -8.24 2.12
CA LYS B 87 20.09 -7.73 3.38
C LYS B 87 19.35 -8.37 4.54
N THR B 88 20.09 -8.72 5.59
CA THR B 88 19.46 -9.30 6.78
C THR B 88 19.14 -8.21 7.80
N HIS B 89 17.90 -8.19 8.26
CA HIS B 89 17.46 -7.15 9.19
C HIS B 89 17.43 -7.65 10.62
N ARG B 90 17.28 -6.71 11.55
CA ARG B 90 17.40 -7.02 12.96
C ARG B 90 16.32 -8.02 13.42
N ASP B 91 15.20 -8.02 12.71
CA ASP B 91 14.07 -8.87 13.09
C ASP B 91 14.20 -10.27 12.49
N GLY B 92 15.24 -10.47 11.69
CA GLY B 92 15.52 -11.77 11.12
C GLY B 92 15.03 -12.01 9.70
N THR B 93 14.27 -11.06 9.16
CA THR B 93 13.80 -11.19 7.78
C THR B 93 14.85 -10.70 6.78
N ARG B 94 14.73 -11.15 5.53
CA ARG B 94 15.67 -10.78 4.48
C ARG B 94 14.98 -10.14 3.29
N SER B 95 15.54 -9.03 2.82
CA SER B 95 14.98 -8.29 1.70
C SER B 95 16.04 -7.48 0.98
N CYS B 96 15.72 -7.04 -0.24
CA CYS B 96 16.56 -6.12 -0.99
C CYS B 96 15.70 -5.05 -1.63
N TYR B 97 16.30 -3.93 -2.01
CA TYR B 97 15.55 -2.82 -2.57
C TYR B 97 15.93 -2.57 -4.01
N ILE B 98 14.93 -2.16 -4.78
CA ILE B 98 15.09 -1.74 -6.16
C ILE B 98 14.12 -0.60 -6.36
N GLN B 99 14.06 -0.04 -7.57
CA GLN B 99 13.10 0.97 -7.93
C GLN B 99 12.38 0.54 -9.16
N ASP B 100 11.11 0.94 -9.27
CA ASP B 100 10.34 0.69 -10.47
C ASP B 100 10.69 1.79 -11.50
N PRO B 101 10.11 1.75 -12.72
CA PRO B 101 10.54 2.72 -13.73
C PRO B 101 10.22 4.18 -13.40
N SER B 102 9.40 4.41 -12.38
CA SER B 102 9.01 5.75 -11.97
C SER B 102 9.86 6.32 -10.84
N GLY B 103 10.60 5.45 -10.16
CA GLY B 103 11.42 5.89 -9.04
C GLY B 103 10.87 5.49 -7.67
N ASN B 104 9.79 4.74 -7.66
CA ASN B 104 9.20 4.23 -6.44
C ASN B 104 10.08 3.16 -5.82
N SER B 105 10.22 3.19 -4.50
CA SER B 105 11.04 2.21 -3.84
C SER B 105 10.26 0.91 -3.63
N VAL B 106 10.82 -0.20 -4.09
CA VAL B 106 10.15 -1.48 -4.04
C VAL B 106 11.05 -2.46 -3.32
N GLU B 107 10.55 -3.08 -2.26
CA GLU B 107 11.33 -4.03 -1.47
C GLU B 107 10.85 -5.44 -1.73
N LEU B 108 11.80 -6.36 -1.89
CA LEU B 108 11.48 -7.73 -2.21
C LEU B 108 11.89 -8.62 -1.04
N ASP B 110 12.41 -11.87 1.29
CA ASP B 110 12.70 -13.28 1.14
C ASP B 110 11.70 -14.10 1.95
N PRO B 111 10.80 -14.83 1.26
CA PRO B 111 9.75 -15.60 1.92
C PRO B 111 10.28 -16.59 2.96
N THR B 112 11.49 -17.09 2.75
CA THR B 112 12.06 -18.09 3.63
C THR B 112 12.47 -17.46 4.96
N SER B 113 12.61 -16.14 4.97
CA SER B 113 13.06 -15.42 6.15
C SER B 113 11.90 -14.89 6.96
N LEU B 114 10.69 -15.25 6.55
CA LEU B 114 9.49 -14.83 7.25
C LEU B 114 9.08 -15.91 8.25
#